data_2GOL
#
_entry.id   2GOL
#
_cell.length_a   111.027
_cell.length_b   111.027
_cell.length_c   113.427
_cell.angle_alpha   90.00
_cell.angle_beta   90.00
_cell.angle_gamma   90.00
#
_symmetry.space_group_name_H-M   'P 41 21 2'
#
loop_
_entity.id
_entity.type
_entity.pdbx_description
1 polymer 'Matrix protein p17 (MA)'
2 polymer 'Capsid protein p24 (CA)'
3 non-polymer 'SULFATE ION'
4 water water
#
loop_
_entity_poly.entity_id
_entity_poly.type
_entity_poly.pdbx_seq_one_letter_code
_entity_poly.pdbx_strand_id
1 'polypeptide(L)'
;HMGARASVLSGGELDKWEKIRLRPGGKKQYKLKHIVWASRELERFAVNPGLLETSEGCRQILGQLQPSLQTGSEELRSLY
NTIAVLYCVHQRIDVKDTKEALDKIEEEQNKSKKKAQQAAADTGNNSQVSQNY
;
A
2 'polypeptide(L)'
;PIVQNLQGQMVHQAISPRTLNAWVKVVEEKAFSPEVIPMFSALSEGATPQDLNTMLNTVGGHQAAMQMLKETINEEAAEW
DRLHPVHAGPIAPGQMREPRGSDIAGTTSTLQEQIGWMTHNPPIPVGEIYKRWIILGLNKIVRMYS
;
B,D
#
loop_
_chem_comp.id
_chem_comp.type
_chem_comp.name
_chem_comp.formula
SO4 non-polymer 'SULFATE ION' 'O4 S -2'
#
# COMPACT_ATOMS: atom_id res chain seq x y z
N SER A 7 -14.72 -5.87 -7.02
CA SER A 7 -15.57 -7.11 -7.27
C SER A 7 -14.70 -8.10 -8.08
N VAL A 8 -15.32 -9.23 -8.55
CA VAL A 8 -14.54 -10.39 -9.09
C VAL A 8 -14.49 -10.41 -10.63
N LEU A 9 -15.65 -10.18 -11.25
CA LEU A 9 -15.78 -10.02 -12.67
C LEU A 9 -16.33 -8.64 -13.14
N SER A 10 -15.70 -8.13 -14.20
CA SER A 10 -16.09 -6.91 -14.92
C SER A 10 -17.31 -7.20 -15.73
N GLY A 11 -18.06 -6.18 -16.12
CA GLY A 11 -19.24 -6.38 -16.93
C GLY A 11 -19.02 -7.30 -18.13
N GLY A 12 -17.82 -7.25 -18.72
CA GLY A 12 -17.48 -8.03 -19.92
C GLY A 12 -17.24 -9.49 -19.57
N GLU A 13 -16.36 -9.70 -18.59
CA GLU A 13 -16.16 -11.01 -17.97
C GLU A 13 -17.49 -11.65 -17.59
N LEU A 14 -18.39 -10.88 -17.01
CA LEU A 14 -19.68 -11.41 -16.60
C LEU A 14 -20.52 -12.05 -17.74
N ASP A 15 -20.51 -11.43 -18.92
CA ASP A 15 -21.28 -11.93 -20.08
C ASP A 15 -20.61 -13.18 -20.62
N LYS A 16 -19.28 -13.23 -20.57
CA LYS A 16 -18.54 -14.48 -20.84
C LYS A 16 -18.95 -15.63 -19.87
N TRP A 17 -18.68 -15.42 -18.57
CA TRP A 17 -19.13 -16.30 -17.47
C TRP A 17 -20.51 -16.92 -17.68
N GLU A 18 -21.44 -16.05 -18.06
CA GLU A 18 -22.80 -16.48 -18.05
C GLU A 18 -23.17 -17.33 -19.30
N LYS A 19 -22.28 -17.31 -20.31
CA LYS A 19 -22.32 -18.18 -21.48
C LYS A 19 -21.85 -19.64 -21.20
N ILE A 20 -20.96 -19.82 -20.22
CA ILE A 20 -20.25 -21.08 -19.96
C ILE A 20 -21.10 -22.16 -19.29
N ARG A 21 -20.91 -23.39 -19.78
CA ARG A 21 -21.74 -24.52 -19.37
C ARG A 21 -21.02 -25.35 -18.30
N LEU A 22 -21.78 -25.81 -17.30
CA LEU A 22 -21.23 -26.71 -16.27
C LEU A 22 -20.61 -27.97 -16.89
N ARG A 23 -21.33 -28.57 -17.84
CA ARG A 23 -20.87 -29.78 -18.59
C ARG A 23 -20.78 -29.47 -20.08
N PRO A 24 -19.92 -30.16 -20.85
CA PRO A 24 -19.95 -30.00 -22.31
C PRO A 24 -21.37 -30.30 -22.91
N GLY A 25 -21.88 -29.45 -23.81
CA GLY A 25 -23.23 -29.62 -24.34
C GLY A 25 -24.37 -29.62 -23.33
N GLY A 26 -24.08 -29.31 -22.06
CA GLY A 26 -25.13 -29.39 -21.03
C GLY A 26 -26.03 -28.17 -21.13
N LYS A 27 -27.17 -28.22 -20.46
CA LYS A 27 -28.04 -27.05 -20.39
C LYS A 27 -27.69 -26.00 -19.30
N LYS A 28 -27.51 -26.41 -18.03
CA LYS A 28 -27.04 -25.52 -16.94
C LYS A 28 -25.76 -24.73 -17.31
N GLN A 29 -25.82 -23.42 -17.16
CA GLN A 29 -24.61 -22.60 -17.36
C GLN A 29 -24.18 -21.92 -16.05
N TYR A 30 -22.93 -21.46 -15.98
CA TYR A 30 -22.42 -20.68 -14.79
C TYR A 30 -23.10 -19.33 -14.53
N LYS A 31 -23.60 -19.14 -13.30
CA LYS A 31 -24.25 -17.91 -12.79
C LYS A 31 -23.39 -17.07 -11.77
N LEU A 32 -23.91 -15.90 -11.40
CA LEU A 32 -23.23 -15.04 -10.42
C LEU A 32 -23.21 -15.73 -9.04
N LYS A 33 -24.27 -16.48 -8.76
CA LYS A 33 -24.36 -17.37 -7.62
C LYS A 33 -23.13 -18.28 -7.41
N HIS A 34 -22.51 -18.77 -8.47
CA HIS A 34 -21.37 -19.66 -8.31
C HIS A 34 -20.13 -18.91 -7.80
N ILE A 35 -20.03 -17.61 -8.13
CA ILE A 35 -18.93 -16.73 -7.62
C ILE A 35 -19.12 -16.47 -6.15
N VAL A 36 -20.33 -16.13 -5.80
CA VAL A 36 -20.73 -15.86 -4.45
C VAL A 36 -20.48 -17.11 -3.59
N TRP A 37 -20.86 -18.26 -4.12
CA TRP A 37 -20.72 -19.50 -3.41
C TRP A 37 -19.26 -19.82 -3.19
N ALA A 38 -18.47 -19.61 -4.21
CA ALA A 38 -17.06 -19.91 -4.14
C ALA A 38 -16.37 -18.95 -3.10
N SER A 39 -16.82 -17.69 -3.02
CA SER A 39 -16.24 -16.77 -2.02
C SER A 39 -16.51 -17.17 -0.61
N ARG A 40 -17.78 -17.49 -0.34
CA ARG A 40 -18.19 -18.05 0.95
C ARG A 40 -17.46 -19.31 1.29
N GLU A 41 -17.21 -20.20 0.34
CA GLU A 41 -16.50 -21.42 0.70
C GLU A 41 -15.09 -21.14 1.09
N LEU A 42 -14.40 -20.31 0.30
CA LEU A 42 -12.99 -19.92 0.58
C LEU A 42 -12.85 -19.35 1.99
N GLU A 43 -13.74 -18.45 2.33
CA GLU A 43 -13.79 -17.84 3.67
C GLU A 43 -13.97 -18.85 4.83
N ARG A 44 -14.87 -19.83 4.63
CA ARG A 44 -15.01 -20.96 5.56
C ARG A 44 -13.71 -21.66 5.85
N PHE A 45 -12.85 -21.81 4.86
CA PHE A 45 -11.55 -22.41 5.06
C PHE A 45 -10.50 -21.37 5.45
N ALA A 46 -10.92 -20.16 5.81
CA ALA A 46 -9.99 -19.02 6.13
C ALA A 46 -9.09 -18.70 4.97
N VAL A 47 -9.61 -18.79 3.74
CA VAL A 47 -8.80 -18.45 2.57
C VAL A 47 -9.45 -17.20 2.04
N ASN A 48 -8.61 -16.23 1.66
CA ASN A 48 -9.07 -14.87 1.23
C ASN A 48 -9.77 -14.93 -0.10
N PRO A 49 -11.06 -14.61 -0.16
CA PRO A 49 -11.74 -14.64 -1.38
C PRO A 49 -11.28 -13.55 -2.38
N GLY A 50 -10.52 -12.54 -1.86
CA GLY A 50 -10.09 -11.48 -2.75
C GLY A 50 -9.15 -12.10 -3.74
N LEU A 51 -8.54 -13.24 -3.41
CA LEU A 51 -7.67 -13.91 -4.41
C LEU A 51 -8.42 -14.26 -5.73
N LEU A 52 -9.74 -14.31 -5.70
CA LEU A 52 -10.52 -14.69 -6.91
C LEU A 52 -10.48 -13.59 -7.97
N GLU A 53 -9.91 -12.42 -7.61
CA GLU A 53 -10.11 -11.23 -8.44
C GLU A 53 -9.08 -11.24 -9.55
N THR A 54 -8.01 -11.98 -9.40
CA THR A 54 -7.03 -11.98 -10.42
C THR A 54 -6.59 -13.42 -10.80
N SER A 55 -5.93 -13.49 -11.96
CA SER A 55 -5.44 -14.71 -12.54
C SER A 55 -4.49 -15.32 -11.60
N GLU A 56 -3.57 -14.51 -11.10
CA GLU A 56 -2.54 -14.96 -10.17
C GLU A 56 -3.11 -15.52 -8.83
N GLY A 57 -4.16 -14.91 -8.32
CA GLY A 57 -4.85 -15.38 -7.10
C GLY A 57 -5.61 -16.74 -7.31
N CYS A 58 -6.48 -16.77 -8.29
CA CYS A 58 -7.09 -18.04 -8.83
C CYS A 58 -5.99 -19.09 -9.03
N ARG A 59 -4.92 -18.75 -9.73
CA ARG A 59 -3.85 -19.70 -9.90
C ARG A 59 -3.33 -20.22 -8.58
N GLN A 60 -3.02 -19.30 -7.64
CA GLN A 60 -2.65 -19.64 -6.26
C GLN A 60 -3.53 -20.70 -5.61
N ILE A 61 -4.81 -20.42 -5.67
CA ILE A 61 -5.78 -21.25 -5.00
C ILE A 61 -5.95 -22.67 -5.67
N LEU A 62 -5.93 -22.69 -7.03
CA LEU A 62 -5.89 -23.96 -7.81
C LEU A 62 -4.76 -24.82 -7.31
N GLY A 63 -3.55 -24.26 -7.22
CA GLY A 63 -2.39 -24.99 -6.61
C GLY A 63 -2.65 -25.45 -5.20
N GLN A 64 -3.43 -24.70 -4.41
CA GLN A 64 -3.69 -25.12 -3.05
C GLN A 64 -4.67 -26.31 -2.99
N LEU A 65 -5.66 -26.28 -3.88
CA LEU A 65 -6.78 -27.20 -3.87
C LEU A 65 -6.40 -28.54 -4.48
N GLN A 66 -5.45 -28.53 -5.40
CA GLN A 66 -4.99 -29.68 -6.13
C GLN A 66 -4.68 -30.89 -5.27
N PRO A 67 -3.83 -30.74 -4.24
CA PRO A 67 -3.57 -31.85 -3.25
C PRO A 67 -4.80 -32.54 -2.65
N SER A 68 -5.86 -31.81 -2.36
CA SER A 68 -7.05 -32.40 -1.79
C SER A 68 -7.73 -33.32 -2.81
N LEU A 69 -7.54 -33.00 -4.07
CA LEU A 69 -8.28 -33.67 -5.08
C LEU A 69 -7.61 -35.02 -5.24
N GLN A 70 -6.34 -35.06 -4.86
CA GLN A 70 -5.51 -36.26 -4.85
C GLN A 70 -5.80 -37.20 -3.64
N THR A 71 -6.49 -36.72 -2.61
CA THR A 71 -6.97 -37.62 -1.63
C THR A 71 -8.03 -38.26 -2.53
N GLY A 72 -9.01 -38.99 -2.08
CA GLY A 72 -10.09 -39.19 -3.11
C GLY A 72 -11.33 -38.43 -2.68
N SER A 73 -11.09 -37.43 -1.83
CA SER A 73 -12.14 -36.57 -1.41
C SER A 73 -12.64 -35.68 -2.59
N GLU A 74 -13.90 -35.34 -2.52
CA GLU A 74 -14.45 -34.56 -3.58
C GLU A 74 -15.00 -33.35 -2.92
N GLU A 75 -14.54 -33.11 -1.69
CA GLU A 75 -15.11 -32.03 -0.89
C GLU A 75 -14.88 -30.66 -1.57
N LEU A 76 -13.75 -30.53 -2.28
CA LEU A 76 -13.32 -29.25 -2.88
C LEU A 76 -13.43 -29.26 -4.41
N ARG A 77 -14.13 -30.30 -4.96
CA ARG A 77 -14.30 -30.42 -6.41
C ARG A 77 -15.13 -29.25 -7.04
N SER A 78 -16.34 -28.93 -6.61
CA SER A 78 -16.97 -27.86 -7.32
C SER A 78 -16.15 -26.51 -7.21
N LEU A 79 -15.57 -26.24 -6.02
CA LEU A 79 -14.83 -25.03 -5.79
C LEU A 79 -13.72 -25.03 -6.81
N TYR A 80 -12.98 -26.12 -6.87
CA TYR A 80 -11.91 -26.18 -7.83
C TYR A 80 -12.39 -25.91 -9.27
N ASN A 81 -13.57 -26.46 -9.61
CA ASN A 81 -14.05 -26.36 -10.97
C ASN A 81 -14.45 -24.92 -11.20
N THR A 82 -15.18 -24.33 -10.26
CA THR A 82 -15.57 -22.91 -10.40
C THR A 82 -14.36 -22.00 -10.57
N ILE A 83 -13.30 -22.24 -9.82
CA ILE A 83 -12.15 -21.40 -9.87
C ILE A 83 -11.34 -21.67 -11.14
N ALA A 84 -11.43 -22.88 -11.72
CA ALA A 84 -10.66 -23.15 -12.94
C ALA A 84 -11.27 -22.34 -14.05
N VAL A 85 -12.60 -22.28 -14.09
CA VAL A 85 -13.31 -21.54 -15.10
C VAL A 85 -12.93 -20.05 -14.95
N LEU A 86 -13.19 -19.44 -13.79
CA LEU A 86 -12.71 -18.08 -13.43
C LEU A 86 -11.33 -17.74 -13.92
N TYR A 87 -10.38 -18.59 -13.64
CA TYR A 87 -9.11 -18.34 -14.09
C TYR A 87 -9.04 -18.16 -15.62
N CYS A 88 -9.79 -18.97 -16.37
CA CYS A 88 -9.74 -18.90 -17.85
C CYS A 88 -10.38 -17.60 -18.24
N VAL A 89 -11.51 -17.26 -17.65
CA VAL A 89 -12.13 -15.99 -17.88
C VAL A 89 -11.15 -14.79 -17.63
N HIS A 90 -10.51 -14.76 -16.45
CA HIS A 90 -9.56 -13.71 -16.09
C HIS A 90 -8.51 -13.67 -17.14
N GLN A 91 -8.12 -14.86 -17.62
CA GLN A 91 -7.00 -14.97 -18.55
C GLN A 91 -7.41 -14.91 -20.02
N ARG A 92 -8.68 -14.59 -20.28
CA ARG A 92 -9.13 -14.39 -21.65
C ARG A 92 -9.14 -15.68 -22.53
N ILE A 93 -9.10 -16.85 -21.88
CA ILE A 93 -9.17 -18.13 -22.52
C ILE A 93 -10.64 -18.41 -22.68
N ASP A 94 -11.09 -18.48 -23.94
CA ASP A 94 -12.49 -18.88 -24.27
C ASP A 94 -12.70 -20.38 -23.92
N VAL A 95 -13.80 -20.65 -23.24
CA VAL A 95 -14.06 -21.99 -22.82
C VAL A 95 -15.56 -22.04 -22.81
N LYS A 96 -16.10 -23.14 -23.33
CA LYS A 96 -17.56 -23.26 -23.44
C LYS A 96 -18.13 -23.94 -22.22
N ASP A 97 -17.24 -24.68 -21.56
CA ASP A 97 -17.68 -25.45 -20.37
C ASP A 97 -16.55 -25.72 -19.41
N THR A 98 -16.94 -26.20 -18.22
CA THR A 98 -15.97 -26.62 -17.21
C THR A 98 -14.86 -27.50 -17.75
N LYS A 99 -15.21 -28.49 -18.58
CA LYS A 99 -14.21 -29.46 -19.00
C LYS A 99 -13.14 -28.84 -19.84
N GLU A 100 -13.60 -27.99 -20.75
CA GLU A 100 -12.70 -27.17 -21.58
C GLU A 100 -11.70 -26.31 -20.70
N ALA A 101 -12.26 -25.71 -19.65
CA ALA A 101 -11.45 -25.04 -18.57
C ALA A 101 -10.47 -25.99 -17.88
N LEU A 102 -10.92 -27.14 -17.39
CA LEU A 102 -9.97 -28.05 -16.75
C LEU A 102 -8.89 -28.46 -17.67
N ASP A 103 -9.18 -28.49 -18.98
CA ASP A 103 -8.21 -28.98 -19.97
C ASP A 103 -7.10 -27.97 -20.22
N LYS A 104 -7.50 -26.71 -20.42
CA LYS A 104 -6.52 -25.61 -20.40
C LYS A 104 -5.67 -25.55 -19.13
N ILE A 105 -6.28 -25.78 -17.96
CA ILE A 105 -5.51 -25.83 -16.70
C ILE A 105 -4.62 -27.10 -16.68
N GLU A 106 -5.14 -28.21 -17.23
CA GLU A 106 -4.35 -29.43 -17.46
C GLU A 106 -2.96 -29.14 -17.99
N GLU A 107 -2.91 -28.55 -19.18
CA GLU A 107 -1.63 -28.36 -19.88
C GLU A 107 -0.75 -27.18 -19.43
N GLU A 108 -1.32 -26.19 -18.74
CA GLU A 108 -0.48 -25.12 -18.19
C GLU A 108 0.53 -25.66 -17.15
N HIS B 12 15.91 -20.94 -6.13
CA HIS B 12 14.92 -20.45 -5.11
C HIS B 12 13.46 -20.85 -5.37
N GLN B 13 12.86 -21.48 -4.36
CA GLN B 13 11.50 -21.85 -4.45
C GLN B 13 10.72 -21.01 -3.46
N ALA B 14 9.58 -20.52 -3.90
CA ALA B 14 8.68 -19.78 -3.06
C ALA B 14 7.87 -20.63 -2.05
N ILE B 15 7.26 -19.99 -1.08
CA ILE B 15 6.53 -20.76 -0.09
C ILE B 15 5.56 -21.75 -0.88
N SER B 16 5.33 -22.97 -0.39
CA SER B 16 4.60 -23.99 -1.18
C SER B 16 3.12 -23.95 -0.95
N PRO B 17 2.35 -24.44 -1.94
CA PRO B 17 0.89 -24.55 -1.81
C PRO B 17 0.47 -25.31 -0.50
N ARG B 18 1.22 -26.35 -0.14
CA ARG B 18 0.87 -27.17 1.01
C ARG B 18 1.14 -26.43 2.31
N THR B 19 2.25 -25.68 2.34
CA THR B 19 2.57 -24.75 3.46
C THR B 19 1.48 -23.76 3.68
N LEU B 20 0.99 -23.14 2.61
CA LEU B 20 -0.14 -22.21 2.72
C LEU B 20 -1.37 -22.91 3.26
N ASN B 21 -1.58 -24.17 2.82
CA ASN B 21 -2.71 -24.92 3.36
C ASN B 21 -2.52 -25.14 4.82
N ALA B 22 -1.34 -25.53 5.24
CA ALA B 22 -1.07 -25.70 6.67
C ALA B 22 -1.33 -24.41 7.47
N TRP B 23 -0.95 -23.28 6.83
CA TRP B 23 -1.08 -21.96 7.45
C TRP B 23 -2.56 -21.57 7.56
N VAL B 24 -3.36 -21.71 6.50
CA VAL B 24 -4.82 -21.36 6.72
C VAL B 24 -5.58 -22.36 7.62
N LYS B 25 -5.14 -23.61 7.62
CA LYS B 25 -5.67 -24.62 8.55
C LYS B 25 -5.48 -24.16 10.02
N VAL B 26 -4.26 -23.71 10.36
CA VAL B 26 -4.03 -23.06 11.66
C VAL B 26 -5.07 -21.97 11.89
N VAL B 27 -5.24 -21.09 10.92
CA VAL B 27 -6.13 -19.97 11.16
C VAL B 27 -7.59 -20.42 11.26
N GLU B 28 -8.04 -21.26 10.33
CA GLU B 28 -9.39 -21.82 10.36
C GLU B 28 -9.70 -22.42 11.74
N GLU B 29 -8.76 -23.22 12.26
CA GLU B 29 -8.99 -23.89 13.53
C GLU B 29 -8.70 -23.07 14.82
N LYS B 30 -7.56 -22.37 14.85
CA LYS B 30 -7.11 -21.59 16.00
C LYS B 30 -7.39 -20.09 15.97
N ALA B 31 -7.34 -19.44 14.80
CA ALA B 31 -7.76 -18.02 14.66
C ALA B 31 -7.27 -16.99 15.70
N PHE B 32 -5.98 -16.82 15.89
CA PHE B 32 -5.53 -15.74 16.84
C PHE B 32 -5.81 -16.06 18.30
N SER B 33 -5.70 -17.35 18.56
CA SER B 33 -5.41 -17.86 19.89
C SER B 33 -3.89 -18.04 19.90
N PRO B 34 -3.27 -18.09 21.09
CA PRO B 34 -1.81 -18.05 21.21
C PRO B 34 -1.04 -19.03 20.35
N GLU B 35 -1.70 -20.14 20.07
CA GLU B 35 -1.17 -21.21 19.26
C GLU B 35 -0.87 -20.83 17.81
N VAL B 36 -1.54 -19.80 17.27
CA VAL B 36 -1.28 -19.35 15.88
C VAL B 36 0.18 -18.93 15.67
N ILE B 37 0.79 -18.36 16.71
CA ILE B 37 2.14 -17.78 16.64
C ILE B 37 3.29 -18.74 16.38
N PRO B 38 3.42 -19.81 17.17
CA PRO B 38 4.51 -20.81 16.90
C PRO B 38 4.30 -21.55 15.55
N MET B 39 3.06 -21.71 15.13
CA MET B 39 2.81 -22.35 13.83
C MET B 39 3.09 -21.35 12.72
N PHE B 40 2.69 -20.07 12.91
CA PHE B 40 3.11 -19.00 11.99
C PHE B 40 4.60 -18.99 11.85
N SER B 41 5.25 -19.08 12.97
CA SER B 41 6.70 -19.05 12.96
C SER B 41 7.36 -20.24 12.29
N ALA B 42 6.89 -21.47 12.57
CA ALA B 42 7.50 -22.64 11.92
C ALA B 42 7.12 -22.69 10.39
N LEU B 43 5.90 -22.34 10.04
CA LEU B 43 5.48 -22.40 8.62
C LEU B 43 6.17 -21.37 7.71
N SER B 44 6.69 -20.27 8.29
CA SER B 44 7.39 -19.17 7.55
C SER B 44 8.85 -19.35 7.59
N GLU B 45 9.23 -20.55 7.98
CA GLU B 45 10.61 -21.01 7.97
C GLU B 45 11.22 -20.73 6.61
N GLY B 46 12.43 -20.14 6.63
CA GLY B 46 13.07 -19.57 5.45
C GLY B 46 12.27 -18.65 4.50
N ALA B 47 11.21 -18.03 4.98
CA ALA B 47 10.43 -17.18 4.11
C ALA B 47 11.14 -15.84 3.76
N THR B 48 10.96 -15.43 2.51
CA THR B 48 11.39 -14.13 2.09
C THR B 48 10.23 -13.21 2.43
N PRO B 49 10.48 -11.89 2.52
CA PRO B 49 9.38 -10.98 2.71
C PRO B 49 8.29 -11.18 1.73
N GLN B 50 8.59 -11.50 0.48
CA GLN B 50 7.56 -11.86 -0.52
C GLN B 50 6.69 -13.11 -0.08
N ASP B 51 7.32 -14.21 0.39
CA ASP B 51 6.57 -15.32 1.04
C ASP B 51 5.66 -14.90 2.16
N LEU B 52 6.11 -13.93 2.95
CA LEU B 52 5.40 -13.57 4.14
C LEU B 52 4.20 -12.81 3.71
N ASN B 53 4.33 -11.93 2.71
CA ASN B 53 3.10 -11.25 2.30
C ASN B 53 2.08 -12.23 1.58
N THR B 54 2.60 -13.16 0.83
CA THR B 54 1.74 -14.35 0.25
C THR B 54 1.00 -15.00 1.44
N MET B 55 1.71 -15.37 2.53
CA MET B 55 0.94 -15.82 3.79
C MET B 55 -0.13 -14.90 4.23
N LEU B 56 0.20 -13.60 4.37
CA LEU B 56 -0.78 -12.70 4.94
C LEU B 56 -1.95 -12.48 4.05
N ASN B 57 -1.64 -12.41 2.77
CA ASN B 57 -2.71 -12.19 1.78
C ASN B 57 -3.71 -13.35 1.55
N THR B 58 -3.30 -14.53 2.00
CA THR B 58 -4.12 -15.81 2.01
C THR B 58 -5.20 -15.90 3.07
N VAL B 59 -5.02 -15.23 4.22
CA VAL B 59 -5.98 -15.28 5.30
C VAL B 59 -7.34 -14.68 4.88
N GLY B 60 -8.44 -15.47 5.00
CA GLY B 60 -9.73 -14.90 4.65
C GLY B 60 -10.48 -14.90 5.95
N GLY B 61 -11.48 -14.06 6.03
CA GLY B 61 -12.41 -14.18 7.16
C GLY B 61 -12.06 -13.37 8.39
N HIS B 62 -10.90 -12.69 8.39
CA HIS B 62 -10.46 -11.98 9.59
C HIS B 62 -10.04 -10.55 9.24
N GLN B 63 -10.98 -9.75 8.77
CA GLN B 63 -10.60 -8.57 8.04
C GLN B 63 -10.02 -7.50 9.02
N ALA B 64 -10.63 -7.39 10.19
CA ALA B 64 -10.28 -6.40 11.21
C ALA B 64 -8.89 -6.72 11.79
N ALA B 65 -8.66 -8.01 12.06
CA ALA B 65 -7.37 -8.53 12.52
C ALA B 65 -6.23 -8.30 11.52
N MET B 66 -6.52 -8.49 10.23
CA MET B 66 -5.54 -8.30 9.20
C MET B 66 -5.17 -6.80 9.05
N GLN B 67 -6.18 -5.93 9.08
CA GLN B 67 -6.00 -4.48 9.17
C GLN B 67 -5.12 -4.08 10.36
N MET B 68 -5.51 -4.53 11.56
CA MET B 68 -4.66 -4.38 12.70
C MET B 68 -3.25 -4.79 12.45
N LEU B 69 -3.05 -5.98 11.91
CA LEU B 69 -1.71 -6.46 11.68
C LEU B 69 -0.90 -5.58 10.72
N LYS B 70 -1.55 -5.04 9.70
CA LYS B 70 -0.91 -4.24 8.66
C LYS B 70 -0.51 -2.88 9.27
N GLU B 71 -1.36 -2.40 10.17
CA GLU B 71 -1.11 -1.21 10.90
C GLU B 71 0.07 -1.20 11.84
N THR B 72 0.24 -2.22 12.67
CA THR B 72 1.50 -2.91 12.95
C THR B 72 2.86 -3.02 12.34
N ILE B 73 3.03 -3.86 11.34
CA ILE B 73 3.69 -3.56 10.15
C ILE B 73 4.24 -2.15 9.83
N ASN B 74 3.34 -1.23 9.54
CA ASN B 74 3.64 0.12 9.21
C ASN B 74 4.39 0.84 10.36
N GLU B 75 3.89 0.72 11.60
CA GLU B 75 4.57 1.25 12.80
C GLU B 75 5.95 0.72 12.95
N GLU B 76 6.10 -0.56 12.71
CA GLU B 76 7.45 -1.16 12.85
C GLU B 76 8.44 -0.81 11.77
N ALA B 77 7.94 -0.74 10.53
CA ALA B 77 8.62 -0.19 9.41
C ALA B 77 9.08 1.35 9.67
N ALA B 78 8.20 2.22 10.14
CA ALA B 78 8.54 3.67 10.36
C ALA B 78 9.66 3.71 11.39
N GLU B 79 9.49 2.97 12.48
CA GLU B 79 10.49 2.82 13.48
C GLU B 79 11.83 2.26 13.11
N TRP B 80 11.86 1.21 12.32
CA TRP B 80 13.11 0.71 11.78
C TRP B 80 13.91 1.83 11.06
N ASP B 81 13.20 2.69 10.33
CA ASP B 81 13.84 3.66 9.47
C ASP B 81 14.46 4.78 10.42
N ARG B 82 13.70 5.24 11.42
CA ARG B 82 14.22 6.11 12.48
C ARG B 82 15.49 5.57 13.09
N LEU B 83 15.52 4.28 13.45
CA LEU B 83 16.72 3.69 14.08
C LEU B 83 17.77 3.13 13.19
N HIS B 84 17.55 3.24 11.91
CA HIS B 84 18.53 2.72 11.00
C HIS B 84 18.71 3.73 9.90
N PRO B 85 19.13 4.96 10.27
CA PRO B 85 19.51 5.97 9.25
C PRO B 85 20.48 5.42 8.19
N VAL B 86 20.21 5.73 6.92
CA VAL B 86 21.09 5.33 5.83
C VAL B 86 22.40 6.13 5.86
N HIS B 87 23.48 5.49 5.41
CA HIS B 87 24.81 6.12 5.31
C HIS B 87 24.88 6.96 4.02
N ALA B 88 25.47 8.15 4.13
CA ALA B 88 25.58 9.11 3.00
C ALA B 88 26.61 8.68 1.95
N GLY B 89 26.41 9.16 0.72
CA GLY B 89 27.31 8.91 -0.42
C GLY B 89 27.39 7.46 -0.93
N PRO B 90 27.14 7.27 -2.24
CA PRO B 90 27.28 5.98 -2.96
C PRO B 90 28.09 4.81 -2.30
N ILE B 91 27.61 3.57 -2.48
CA ILE B 91 28.14 2.36 -1.78
C ILE B 91 29.16 1.48 -2.55
N ALA B 92 29.94 0.71 -1.79
CA ALA B 92 30.99 -0.22 -2.29
C ALA B 92 30.52 -1.17 -3.41
N PRO B 93 31.36 -1.39 -4.45
CA PRO B 93 30.94 -1.84 -5.81
C PRO B 93 29.48 -2.34 -6.02
N GLY B 94 28.53 -1.39 -6.06
CA GLY B 94 27.08 -1.69 -6.14
C GLY B 94 26.45 -2.70 -5.15
N GLN B 95 27.21 -3.09 -4.09
CA GLN B 95 26.85 -4.21 -3.17
C GLN B 95 25.61 -3.95 -2.27
N MET B 96 24.56 -3.44 -2.91
CA MET B 96 23.24 -3.31 -2.30
C MET B 96 23.06 -2.07 -1.45
N ARG B 97 22.06 -1.29 -1.84
CA ARG B 97 21.45 -0.33 -0.97
C ARG B 97 21.10 -1.02 0.34
N GLU B 98 21.03 -0.22 1.41
CA GLU B 98 20.61 -0.70 2.72
C GLU B 98 19.11 -0.76 2.62
N PRO B 99 18.49 -1.80 3.16
CA PRO B 99 17.02 -1.88 3.12
C PRO B 99 16.39 -0.88 4.07
N ARG B 100 15.28 -0.31 3.67
CA ARG B 100 14.48 0.52 4.53
C ARG B 100 13.34 -0.42 5.04
N GLY B 101 12.48 0.05 5.94
CA GLY B 101 11.29 -0.60 6.42
C GLY B 101 10.40 -1.17 5.32
N SER B 102 10.04 -0.37 4.31
CA SER B 102 9.19 -0.79 3.20
C SER B 102 9.89 -1.92 2.35
N ASP B 103 11.20 -2.05 2.41
CA ASP B 103 11.91 -3.11 1.76
C ASP B 103 11.92 -4.43 2.53
N ILE B 104 12.13 -4.33 3.82
CA ILE B 104 11.96 -5.48 4.69
C ILE B 104 10.53 -6.01 4.64
N ALA B 105 9.54 -5.10 4.52
CA ALA B 105 8.22 -5.55 4.47
C ALA B 105 7.84 -6.08 3.06
N GLY B 106 8.84 -6.23 2.20
CA GLY B 106 8.61 -6.63 0.82
C GLY B 106 7.73 -5.72 -0.03
N THR B 107 7.47 -4.49 0.40
CA THR B 107 6.66 -3.57 -0.40
C THR B 107 7.50 -2.87 -1.52
N THR B 108 8.76 -2.58 -1.28
CA THR B 108 9.45 -1.75 -2.26
C THR B 108 10.70 -2.46 -2.64
N SER B 109 10.80 -3.73 -2.26
CA SER B 109 11.94 -4.51 -2.68
C SER B 109 11.44 -5.61 -3.61
N THR B 110 12.45 -6.13 -4.26
CA THR B 110 12.35 -7.12 -5.25
C THR B 110 12.77 -8.45 -4.64
N LEU B 111 12.21 -9.56 -5.18
CA LEU B 111 12.61 -10.89 -4.72
C LEU B 111 14.12 -11.00 -4.75
N GLN B 112 14.69 -10.60 -5.90
CA GLN B 112 16.16 -10.57 -6.15
C GLN B 112 16.88 -9.78 -5.06
N GLU B 113 16.38 -8.58 -4.77
CA GLU B 113 16.94 -7.78 -3.61
C GLU B 113 16.78 -8.51 -2.34
N GLN B 114 15.55 -9.03 -2.08
CA GLN B 114 15.30 -9.75 -0.81
C GLN B 114 16.32 -10.88 -0.68
N ILE B 115 16.51 -11.66 -1.74
CA ILE B 115 17.44 -12.80 -1.65
C ILE B 115 18.87 -12.34 -1.47
N GLY B 116 19.24 -11.29 -2.20
CA GLY B 116 20.57 -10.73 -2.12
C GLY B 116 20.94 -10.32 -0.70
N TRP B 117 20.03 -9.58 -0.03
CA TRP B 117 20.22 -9.23 1.40
C TRP B 117 20.37 -10.48 2.21
N MET B 118 19.45 -11.41 1.98
CA MET B 118 19.35 -12.62 2.76
C MET B 118 20.60 -13.53 2.66
N THR B 119 21.20 -13.59 1.48
CA THR B 119 22.36 -14.49 1.29
C THR B 119 23.74 -13.83 1.46
N HIS B 120 23.74 -12.50 1.57
CA HIS B 120 24.95 -11.70 1.75
C HIS B 120 25.87 -12.19 2.84
N ASN B 121 27.17 -11.91 2.65
CA ASN B 121 28.19 -12.03 3.68
C ASN B 121 28.74 -10.64 4.06
N PRO B 122 28.31 -10.14 5.23
CA PRO B 122 27.42 -10.88 6.12
C PRO B 122 25.89 -10.60 5.82
N PRO B 123 25.00 -11.46 6.31
CA PRO B 123 23.59 -11.41 5.87
C PRO B 123 22.76 -10.35 6.59
N ILE B 124 21.94 -9.63 5.83
CA ILE B 124 20.83 -8.84 6.37
C ILE B 124 19.55 -9.72 6.24
N PRO B 125 19.08 -10.33 7.34
CA PRO B 125 17.98 -11.29 7.26
C PRO B 125 16.59 -10.61 7.22
N VAL B 126 16.25 -10.08 6.04
CA VAL B 126 15.06 -9.25 5.88
C VAL B 126 13.74 -10.03 6.10
N GLY B 127 13.74 -11.35 5.78
CA GLY B 127 12.63 -12.26 6.19
C GLY B 127 12.47 -12.43 7.67
N GLU B 128 13.56 -12.67 8.39
CA GLU B 128 13.48 -12.82 9.86
C GLU B 128 13.01 -11.55 10.54
N ILE B 129 13.51 -10.40 10.07
CA ILE B 129 13.07 -9.12 10.60
C ILE B 129 11.60 -8.89 10.32
N TYR B 130 11.20 -9.04 9.06
CA TYR B 130 9.74 -8.95 8.78
C TYR B 130 8.87 -9.89 9.68
N LYS B 131 9.37 -11.08 9.96
CA LYS B 131 8.60 -12.13 10.68
C LYS B 131 8.42 -11.64 12.10
N ARG B 132 9.48 -11.02 12.61
CA ARG B 132 9.40 -10.36 13.93
C ARG B 132 8.29 -9.33 14.01
N TRP B 133 8.16 -8.45 13.02
CA TRP B 133 7.08 -7.46 13.10
C TRP B 133 5.75 -8.15 13.02
N ILE B 134 5.65 -9.14 12.15
CA ILE B 134 4.32 -9.85 12.07
C ILE B 134 4.00 -10.53 13.39
N ILE B 135 4.98 -11.20 13.98
CA ILE B 135 4.73 -11.84 15.31
C ILE B 135 4.27 -10.86 16.44
N LEU B 136 4.87 -9.66 16.41
CA LEU B 136 4.49 -8.57 17.25
C LEU B 136 3.09 -8.20 16.94
N GLY B 137 2.75 -8.02 15.67
CA GLY B 137 1.32 -7.78 15.40
C GLY B 137 0.36 -8.89 15.82
N LEU B 138 0.80 -10.14 15.75
CA LEU B 138 -0.06 -11.29 16.07
C LEU B 138 -0.24 -11.37 17.61
N ASN B 139 0.85 -11.20 18.35
CA ASN B 139 0.73 -10.90 19.78
C ASN B 139 -0.27 -9.81 20.16
N LYS B 140 -0.30 -8.67 19.47
CA LYS B 140 -1.40 -7.74 19.75
C LYS B 140 -2.80 -8.25 19.46
N ILE B 141 -2.96 -8.97 18.35
CA ILE B 141 -4.26 -9.53 18.00
C ILE B 141 -4.68 -10.57 19.04
N VAL B 142 -3.74 -11.46 19.45
CA VAL B 142 -4.10 -12.50 20.42
C VAL B 142 -4.53 -11.91 21.78
N ARG B 143 -3.81 -10.88 22.23
CA ARG B 143 -4.13 -10.15 23.42
C ARG B 143 -5.51 -9.52 23.31
N MET B 144 -5.85 -8.94 22.16
CA MET B 144 -7.21 -8.39 21.98
C MET B 144 -8.38 -9.39 21.98
N TYR B 145 -8.11 -10.60 21.55
CA TYR B 145 -9.18 -11.55 21.30
C TYR B 145 -9.22 -12.64 22.37
N SER B 146 -8.46 -12.49 23.44
CA SER B 146 -8.38 -13.55 24.45
C SER B 146 -9.27 -13.26 25.67
N HIS C 12 4.63 18.46 16.46
CA HIS C 12 4.83 19.52 15.42
C HIS C 12 5.04 20.98 15.95
N GLN C 13 5.95 21.72 15.29
CA GLN C 13 6.29 23.13 15.63
C GLN C 13 5.53 24.31 14.90
N ALA C 14 4.64 24.98 15.65
CA ALA C 14 3.71 26.04 15.20
C ALA C 14 4.16 27.46 14.70
N ILE C 15 5.40 27.64 14.20
CA ILE C 15 5.98 28.98 13.77
C ILE C 15 5.88 30.14 14.77
N SER C 16 6.99 30.43 15.46
CA SER C 16 6.95 31.48 16.52
C SER C 16 6.86 32.88 15.97
N PRO C 17 6.36 33.83 16.76
CA PRO C 17 6.52 35.28 16.37
C PRO C 17 7.96 35.68 16.00
N ARG C 18 8.98 35.10 16.65
CA ARG C 18 10.35 35.46 16.35
C ARG C 18 10.77 35.08 14.96
N THR C 19 10.42 33.84 14.57
CA THR C 19 10.66 33.36 13.20
C THR C 19 9.93 34.23 12.19
N LEU C 20 8.67 34.52 12.46
CA LEU C 20 7.90 35.34 11.58
C LEU C 20 8.56 36.68 11.36
N ASN C 21 8.87 37.34 12.48
CA ASN C 21 9.55 38.63 12.45
C ASN C 21 10.88 38.59 11.70
N ALA C 22 11.68 37.54 11.86
CA ALA C 22 12.92 37.42 11.06
C ALA C 22 12.65 37.32 9.56
N TRP C 23 11.59 36.63 9.20
CA TRP C 23 11.23 36.48 7.77
C TRP C 23 10.81 37.84 7.22
N VAL C 24 9.90 38.53 7.92
CA VAL C 24 9.52 39.89 7.55
C VAL C 24 10.73 40.75 7.27
N LYS C 25 11.82 40.57 8.03
CA LYS C 25 12.93 41.48 7.93
C LYS C 25 13.89 41.07 6.87
N VAL C 26 13.99 39.74 6.64
CA VAL C 26 14.78 39.20 5.54
C VAL C 26 14.23 39.77 4.22
N VAL C 27 12.93 39.92 4.13
CA VAL C 27 12.33 40.46 2.91
C VAL C 27 12.52 41.99 2.87
N GLU C 28 12.13 42.70 3.94
CA GLU C 28 12.39 44.17 4.09
C GLU C 28 13.84 44.48 3.74
N GLU C 29 14.74 43.64 4.19
CA GLU C 29 16.12 43.82 3.92
C GLU C 29 16.57 43.61 2.49
N LYS C 30 16.33 42.44 1.89
CA LYS C 30 16.96 42.11 0.58
C LYS C 30 15.96 41.68 -0.50
N ALA C 31 14.68 41.87 -0.20
CA ALA C 31 13.56 41.53 -1.08
C ALA C 31 13.81 40.79 -2.42
N PHE C 32 13.85 39.48 -2.45
CA PHE C 32 13.89 38.69 -3.73
C PHE C 32 15.22 38.62 -4.45
N SER C 33 16.26 39.00 -3.73
CA SER C 33 17.58 38.57 -4.10
C SER C 33 17.57 37.02 -4.03
N PRO C 34 18.47 36.34 -4.70
CA PRO C 34 18.51 34.89 -4.66
C PRO C 34 18.62 34.28 -3.26
N GLU C 35 19.24 34.98 -2.29
CA GLU C 35 19.45 34.39 -0.95
C GLU C 35 18.14 34.42 -0.18
N VAL C 36 17.10 35.08 -0.71
CA VAL C 36 15.78 34.99 -0.10
C VAL C 36 15.29 33.52 -0.04
N ILE C 37 15.81 32.68 -0.91
CA ILE C 37 15.23 31.37 -1.05
C ILE C 37 15.72 30.43 0.02
N PRO C 38 17.03 30.32 0.24
CA PRO C 38 17.58 29.58 1.39
C PRO C 38 17.06 30.05 2.74
N MET C 39 16.83 31.36 2.91
CA MET C 39 16.23 31.89 4.14
C MET C 39 14.76 31.53 4.26
N PHE C 40 13.96 31.74 3.22
CA PHE C 40 12.60 31.28 3.32
C PHE C 40 12.60 29.81 3.71
N SER C 41 13.47 29.02 3.10
CA SER C 41 13.51 27.60 3.37
C SER C 41 13.82 27.23 4.79
N ALA C 42 14.84 27.87 5.39
CA ALA C 42 15.25 27.52 6.78
C ALA C 42 14.18 28.01 7.70
N LEU C 43 13.63 29.16 7.42
CA LEU C 43 12.71 29.81 8.33
C LEU C 43 11.39 29.11 8.32
N SER C 44 11.11 28.37 7.24
CA SER C 44 9.78 27.67 7.13
C SER C 44 9.87 26.20 7.26
N GLU C 45 11.01 25.63 7.66
CA GLU C 45 11.20 24.21 7.55
C GLU C 45 10.21 23.47 8.39
N GLY C 46 9.50 22.50 7.77
CA GLY C 46 8.64 21.63 8.56
C GLY C 46 7.35 22.25 8.93
N ALA C 47 6.94 23.31 8.22
CA ALA C 47 5.74 24.10 8.55
C ALA C 47 4.46 23.53 7.92
N THR C 48 3.30 23.94 8.47
CA THR C 48 2.02 23.67 7.97
C THR C 48 1.71 24.69 6.93
N PRO C 49 0.77 24.34 6.05
CA PRO C 49 0.22 25.28 5.11
C PRO C 49 -0.28 26.59 5.72
N GLN C 50 -0.94 26.51 6.85
CA GLN C 50 -1.36 27.73 7.57
C GLN C 50 -0.18 28.68 7.93
N ASP C 51 0.84 28.13 8.55
CA ASP C 51 2.03 28.89 8.86
C ASP C 51 2.68 29.44 7.61
N LEU C 52 2.66 28.65 6.52
CA LEU C 52 3.23 29.09 5.25
C LEU C 52 2.48 30.28 4.76
N ASN C 53 1.17 30.26 4.85
CA ASN C 53 0.35 31.40 4.47
C ASN C 53 0.54 32.60 5.35
N THR C 54 0.65 32.37 6.67
CA THR C 54 1.06 33.43 7.64
C THR C 54 2.35 34.12 7.20
N MET C 55 3.39 33.37 6.89
CA MET C 55 4.60 33.96 6.40
C MET C 55 4.46 34.83 5.14
N LEU C 56 3.72 34.32 4.16
CA LEU C 56 3.54 35.01 2.90
C LEU C 56 2.65 36.23 3.06
N ASN C 57 1.72 36.21 3.99
CA ASN C 57 0.81 37.32 4.17
C ASN C 57 1.37 38.54 4.89
N THR C 58 2.55 38.42 5.48
CA THR C 58 3.11 39.51 6.26
C THR C 58 4.18 40.22 5.43
N VAL C 59 4.49 39.62 4.28
CA VAL C 59 5.38 40.22 3.31
C VAL C 59 4.81 41.59 2.96
N GLY C 60 5.64 42.63 3.19
CA GLY C 60 5.27 44.04 3.01
C GLY C 60 5.38 44.47 1.56
N GLY C 61 4.28 45.04 1.05
CA GLY C 61 4.24 45.56 -0.31
C GLY C 61 4.49 44.47 -1.33
N HIS C 62 5.35 44.78 -2.30
CA HIS C 62 5.67 43.89 -3.43
C HIS C 62 4.43 43.25 -4.03
N GLN C 63 3.47 44.07 -4.44
CA GLN C 63 2.21 43.54 -4.95
C GLN C 63 2.38 42.69 -6.21
N ALA C 64 3.20 43.18 -7.13
CA ALA C 64 3.49 42.47 -8.36
C ALA C 64 4.05 41.08 -8.07
N ALA C 65 5.12 41.03 -7.26
CA ALA C 65 5.82 39.80 -6.97
C ALA C 65 4.88 38.79 -6.27
N MET C 66 4.06 39.27 -5.33
CA MET C 66 3.15 38.41 -4.56
C MET C 66 2.00 37.85 -5.36
N GLN C 67 1.67 38.57 -6.44
CA GLN C 67 0.66 38.14 -7.39
C GLN C 67 1.22 37.06 -8.26
N MET C 68 2.42 37.27 -8.77
CA MET C 68 3.14 36.24 -9.48
C MET C 68 3.19 34.91 -8.66
N LEU C 69 3.48 35.01 -7.36
CA LEU C 69 3.53 33.84 -6.51
C LEU C 69 2.14 33.19 -6.37
N LYS C 70 1.12 34.01 -6.15
CA LYS C 70 -0.22 33.53 -6.05
C LYS C 70 -0.67 32.76 -7.30
N GLU C 71 -0.26 33.23 -8.48
CA GLU C 71 -0.56 32.57 -9.72
C GLU C 71 0.18 31.29 -9.85
N THR C 72 1.44 31.24 -9.41
CA THR C 72 2.20 29.99 -9.43
C THR C 72 1.52 28.90 -8.60
N ILE C 73 1.06 29.30 -7.40
CA ILE C 73 0.55 28.41 -6.40
C ILE C 73 -0.74 27.84 -6.95
N ASN C 74 -1.56 28.72 -7.56
CA ASN C 74 -2.79 28.33 -8.22
C ASN C 74 -2.68 27.34 -9.37
N GLU C 75 -1.68 27.55 -10.23
CA GLU C 75 -1.31 26.61 -11.25
C GLU C 75 -0.90 25.27 -10.67
N GLU C 76 -0.13 25.33 -9.57
CA GLU C 76 0.41 24.11 -8.96
C GLU C 76 -0.70 23.33 -8.30
N ALA C 77 -1.67 24.05 -7.73
CA ALA C 77 -2.84 23.48 -7.09
C ALA C 77 -3.79 22.83 -8.17
N ALA C 78 -4.01 23.51 -9.33
CA ALA C 78 -4.76 22.92 -10.47
C ALA C 78 -4.05 21.69 -11.00
N GLU C 79 -2.74 21.75 -11.17
CA GLU C 79 -2.02 20.57 -11.57
C GLU C 79 -2.04 19.44 -10.60
N TRP C 80 -1.92 19.75 -9.32
CA TRP C 80 -2.09 18.73 -8.29
C TRP C 80 -3.43 17.94 -8.51
N ASP C 81 -4.54 18.64 -8.57
CA ASP C 81 -5.87 18.03 -8.81
C ASP C 81 -5.97 17.20 -10.07
N ARG C 82 -5.41 17.72 -11.16
CA ARG C 82 -5.24 16.92 -12.35
C ARG C 82 -4.43 15.67 -12.12
N LEU C 83 -3.34 15.76 -11.44
CA LEU C 83 -2.48 14.55 -11.39
C LEU C 83 -2.82 13.59 -10.17
N HIS C 84 -3.79 13.99 -9.35
CA HIS C 84 -4.26 13.20 -8.12
C HIS C 84 -5.77 13.20 -8.12
N PRO C 85 -6.42 12.58 -9.16
CA PRO C 85 -7.87 12.54 -9.19
C PRO C 85 -8.36 11.74 -7.90
N VAL C 86 -9.49 12.13 -7.33
CA VAL C 86 -10.08 11.38 -6.19
C VAL C 86 -10.87 10.11 -6.58
N HIS C 87 -10.92 9.13 -5.68
CA HIS C 87 -12.00 8.10 -5.68
C HIS C 87 -13.30 8.79 -5.24
N ALA C 88 -14.33 8.78 -6.03
CA ALA C 88 -15.59 9.39 -5.69
C ALA C 88 -16.33 8.43 -4.72
N GLY C 89 -17.14 8.97 -3.80
CA GLY C 89 -17.99 8.10 -2.96
C GLY C 89 -17.67 8.21 -1.47
N PRO C 90 -18.21 7.33 -0.65
CA PRO C 90 -18.02 7.54 0.80
C PRO C 90 -16.57 7.31 1.24
N ILE C 91 -16.17 8.08 2.21
CA ILE C 91 -14.92 7.84 2.95
C ILE C 91 -15.27 7.04 4.23
N ALA C 92 -14.60 5.95 4.44
CA ALA C 92 -14.79 5.17 5.60
C ALA C 92 -14.29 5.69 6.94
N PRO C 93 -15.03 5.41 8.05
CA PRO C 93 -14.95 6.29 9.23
C PRO C 93 -13.57 5.76 9.75
N GLY C 94 -12.66 6.50 10.34
CA GLY C 94 -12.23 7.85 10.06
C GLY C 94 -10.91 7.50 9.27
N GLN C 95 -11.09 7.45 7.95
CA GLN C 95 -10.05 7.72 6.98
C GLN C 95 -10.16 9.18 6.89
N MET C 96 -9.09 9.83 6.52
CA MET C 96 -9.22 11.28 6.19
C MET C 96 -9.52 11.44 4.73
N ARG C 97 -10.15 12.55 4.35
CA ARG C 97 -10.30 12.87 2.94
C ARG C 97 -8.93 13.02 2.23
N GLU C 98 -8.97 12.82 0.90
CA GLU C 98 -7.83 13.10 0.03
C GLU C 98 -7.69 14.59 -0.15
N PRO C 99 -6.52 15.13 0.16
CA PRO C 99 -6.31 16.58 -0.02
C PRO C 99 -6.37 16.95 -1.49
N ARG C 100 -7.11 18.01 -1.80
CA ARG C 100 -7.10 18.66 -3.06
C ARG C 100 -5.99 19.74 -3.05
N GLY C 101 -5.76 20.41 -4.19
CA GLY C 101 -4.71 21.43 -4.28
C GLY C 101 -4.99 22.59 -3.35
N SER C 102 -6.26 22.96 -3.20
CA SER C 102 -6.62 24.07 -2.36
C SER C 102 -6.52 23.75 -0.88
N ASP C 103 -6.49 22.48 -0.52
CA ASP C 103 -6.32 22.07 0.84
C ASP C 103 -4.86 22.15 1.18
N ILE C 104 -4.02 21.68 0.22
CA ILE C 104 -2.59 21.77 0.35
C ILE C 104 -2.18 23.25 0.51
N ALA C 105 -2.83 24.14 -0.22
CA ALA C 105 -2.46 25.52 -0.15
C ALA C 105 -3.08 26.16 1.08
N GLY C 106 -3.76 25.35 1.88
CA GLY C 106 -4.40 25.77 3.10
C GLY C 106 -5.61 26.69 3.02
N THR C 107 -6.18 26.88 1.83
CA THR C 107 -7.36 27.76 1.72
C THR C 107 -8.69 27.07 2.05
N THR C 108 -8.75 25.73 1.92
CA THR C 108 -9.98 24.98 2.24
C THR C 108 -9.71 23.86 3.23
N SER C 109 -8.57 23.88 3.89
CA SER C 109 -8.35 22.88 4.93
C SER C 109 -8.17 23.64 6.25
N THR C 110 -8.54 23.00 7.35
CA THR C 110 -8.25 23.55 8.71
C THR C 110 -6.87 23.13 9.15
N LEU C 111 -6.32 23.83 10.15
CA LEU C 111 -5.07 23.41 10.76
C LEU C 111 -5.07 21.94 11.18
N GLN C 112 -6.18 21.53 11.78
CA GLN C 112 -6.28 20.18 12.33
C GLN C 112 -6.34 19.14 11.18
N GLU C 113 -6.97 19.49 10.06
CA GLU C 113 -6.80 18.64 8.87
C GLU C 113 -5.32 18.58 8.42
N GLN C 114 -4.67 19.75 8.33
CA GLN C 114 -3.29 19.77 7.85
C GLN C 114 -2.43 18.87 8.70
N ILE C 115 -2.52 19.03 10.03
CA ILE C 115 -1.73 18.19 10.99
C ILE C 115 -2.05 16.68 10.88
N GLY C 116 -3.34 16.39 10.78
CA GLY C 116 -3.75 15.00 10.63
C GLY C 116 -3.10 14.36 9.41
N TRP C 117 -3.10 15.08 8.26
CA TRP C 117 -2.29 14.54 7.09
C TRP C 117 -0.82 14.41 7.41
N MET C 118 -0.27 15.47 7.98
CA MET C 118 1.18 15.58 8.17
C MET C 118 1.71 14.58 9.13
N THR C 119 0.92 14.25 10.13
CA THR C 119 1.40 13.25 11.12
C THR C 119 0.80 11.84 10.96
N HIS C 120 -0.10 11.65 10.00
CA HIS C 120 -0.47 10.29 9.65
C HIS C 120 0.75 9.39 9.38
N ASN C 121 0.58 8.07 9.53
CA ASN C 121 1.62 7.10 9.19
C ASN C 121 1.12 6.10 8.09
N PRO C 122 1.63 6.19 6.85
CA PRO C 122 2.63 7.17 6.45
C PRO C 122 2.03 8.57 6.26
N PRO C 123 2.83 9.64 6.36
CA PRO C 123 2.24 10.99 6.15
C PRO C 123 1.87 11.30 4.71
N ILE C 124 0.88 12.16 4.60
CA ILE C 124 0.67 12.98 3.46
C ILE C 124 1.17 14.41 3.78
N PRO C 125 2.39 14.73 3.38
CA PRO C 125 3.07 15.91 3.92
C PRO C 125 2.63 17.17 3.20
N VAL C 126 1.47 17.69 3.53
CA VAL C 126 0.96 18.79 2.75
C VAL C 126 1.75 20.10 2.91
N GLY C 127 2.48 20.26 4.04
CA GLY C 127 3.31 21.47 4.22
C GLY C 127 4.50 21.36 3.32
N GLU C 128 5.07 20.17 3.21
CA GLU C 128 6.15 19.97 2.31
C GLU C 128 5.77 20.17 0.83
N ILE C 129 4.51 19.83 0.45
CA ILE C 129 4.09 19.86 -0.91
C ILE C 129 3.81 21.33 -1.28
N TYR C 130 3.07 21.99 -0.44
CA TYR C 130 2.86 23.41 -0.54
C TYR C 130 4.18 24.19 -0.59
N LYS C 131 5.19 23.82 0.21
CA LYS C 131 6.50 24.51 0.22
C LYS C 131 7.10 24.47 -1.16
N ARG C 132 7.06 23.31 -1.84
CA ARG C 132 7.65 23.21 -3.19
C ARG C 132 6.98 24.16 -4.19
N TRP C 133 5.68 24.35 -4.05
CA TRP C 133 4.98 25.19 -4.98
C TRP C 133 5.45 26.63 -4.69
N ILE C 134 5.57 26.99 -3.40
CA ILE C 134 6.07 28.30 -2.97
C ILE C 134 7.47 28.58 -3.49
N ILE C 135 8.42 27.67 -3.30
CA ILE C 135 9.75 27.77 -3.78
C ILE C 135 9.79 27.93 -5.33
N LEU C 136 8.94 27.17 -6.06
CA LEU C 136 8.75 27.39 -7.50
C LEU C 136 8.39 28.83 -7.83
N GLY C 137 7.36 29.37 -7.19
CA GLY C 137 6.96 30.74 -7.38
C GLY C 137 8.07 31.77 -7.11
N LEU C 138 8.90 31.51 -6.07
CA LEU C 138 9.95 32.40 -5.63
C LEU C 138 11.08 32.36 -6.61
N ASN C 139 11.49 31.17 -7.06
CA ASN C 139 12.41 31.05 -8.17
C ASN C 139 11.99 31.83 -9.42
N LYS C 140 10.71 31.81 -9.73
CA LYS C 140 10.21 32.56 -10.88
C LYS C 140 10.45 34.05 -10.59
N ILE C 141 10.19 34.46 -9.35
CA ILE C 141 10.30 35.86 -8.96
C ILE C 141 11.78 36.31 -9.00
N VAL C 142 12.70 35.53 -8.44
CA VAL C 142 14.09 35.93 -8.52
C VAL C 142 14.61 36.09 -9.95
N ARG C 143 14.21 35.23 -10.87
CA ARG C 143 14.54 35.42 -12.27
C ARG C 143 13.96 36.72 -12.83
N MET C 144 12.69 37.03 -12.56
CA MET C 144 12.11 38.26 -13.11
C MET C 144 12.92 39.47 -12.71
N TYR C 145 13.26 39.57 -11.44
CA TYR C 145 13.89 40.78 -10.91
C TYR C 145 15.41 40.65 -10.72
N SER C 146 16.08 40.02 -11.67
CA SER C 146 17.53 40.02 -11.70
C SER C 146 18.04 40.55 -13.03
S SO4 D . -26.65 -30.50 -17.58
O1 SO4 D . -27.57 -30.13 -18.65
O2 SO4 D . -27.33 -31.26 -16.56
O3 SO4 D . -26.25 -29.20 -16.99
O4 SO4 D . -25.48 -31.12 -18.19
S SO4 E . 10.50 28.17 15.63
O1 SO4 E . 11.91 28.08 15.18
O2 SO4 E . 9.47 28.91 14.81
O3 SO4 E . 10.23 28.82 16.96
O4 SO4 E . 10.43 26.72 15.89
#